data_2AM9
#
_entry.id   2AM9
#
_cell.length_a   53.820
_cell.length_b   65.920
_cell.length_c   71.040
_cell.angle_alpha   90.00
_cell.angle_beta   90.00
_cell.angle_gamma   90.00
#
_symmetry.space_group_name_H-M   'P 21 21 21'
#
loop_
_entity.id
_entity.type
_entity.pdbx_description
1 polymer 'Androgen receptor'
2 non-polymer 'SULFATE ION'
3 non-polymer TESTOSTERONE
4 non-polymer 2,3-DIHYDROXY-1,4-DITHIOBUTANE
5 non-polymer GLYCEROL
6 water water
#
_entity_poly.entity_id   1
_entity_poly.type   'polypeptide(L)'
_entity_poly.pdbx_seq_one_letter_code
;ETTQKLTVSHIEGYECQPIFLNVLEAIEPGVVCAGHDNNQPDSFAALLSSLNELGERQLVHVVKWAKALPGFRNLHVDDQ
MAVIQYSWMGLMVFAMGWRSFTNVNSRMLYFAPDLVFNEYRMHKSRMYSQCVRMRHLSQEFGWLQITPQEFLCMKALLLF
SIIPVDGLKNQKFFDELRMNYIKELDRIIACKRKNPTSCSRRFYQLTKLLDSVQPIARELHQFTFDLLIKSHMVSVDFPE
MMAEIISVQVPKILSGKVKPIYFHTQ
;
_entity_poly.pdbx_strand_id   A
#
loop_
_chem_comp.id
_chem_comp.type
_chem_comp.name
_chem_comp.formula
DTT non-polymer 2,3-DIHYDROXY-1,4-DITHIOBUTANE 'C4 H10 O2 S2'
GOL non-polymer GLYCEROL 'C3 H8 O3'
SO4 non-polymer 'SULFATE ION' 'O4 S -2'
TES non-polymer TESTOSTERONE 'C19 H28 O2'
#
# COMPACT_ATOMS: atom_id res chain seq x y z
N GLN A 17 -28.81 3.01 -5.15
CA GLN A 17 -27.83 2.05 -4.55
C GLN A 17 -26.47 2.72 -4.33
N PRO A 18 -25.61 2.10 -3.50
CA PRO A 18 -24.28 2.65 -3.20
C PRO A 18 -23.33 2.55 -4.39
N ILE A 19 -23.44 3.50 -5.31
CA ILE A 19 -22.62 3.52 -6.52
C ILE A 19 -21.11 3.47 -6.26
N PHE A 20 -20.62 4.36 -5.41
CA PHE A 20 -19.18 4.40 -5.12
C PHE A 20 -18.67 3.06 -4.56
N LEU A 21 -19.37 2.53 -3.56
CA LEU A 21 -18.96 1.27 -2.96
C LEU A 21 -19.13 0.09 -3.93
N ASN A 22 -20.13 0.19 -4.80
CA ASN A 22 -20.37 -0.86 -5.80
C ASN A 22 -19.10 -0.96 -6.65
N VAL A 23 -18.60 0.19 -7.08
CA VAL A 23 -17.40 0.23 -7.93
C VAL A 23 -16.17 -0.32 -7.21
N LEU A 24 -15.90 0.16 -6.00
CA LEU A 24 -14.73 -0.31 -5.26
C LEU A 24 -14.72 -1.83 -5.10
N GLU A 25 -15.89 -2.42 -4.83
CA GLU A 25 -15.95 -3.86 -4.66
C GLU A 25 -15.70 -4.56 -5.99
N ALA A 26 -16.33 -4.03 -7.04
CA ALA A 26 -16.20 -4.59 -8.37
C ALA A 26 -14.78 -4.62 -8.92
N ILE A 27 -14.00 -3.58 -8.65
CA ILE A 27 -12.63 -3.51 -9.16
C ILE A 27 -11.55 -4.10 -8.27
N GLU A 28 -11.92 -4.52 -7.06
CA GLU A 28 -10.93 -5.07 -6.13
C GLU A 28 -10.22 -6.29 -6.72
N PRO A 29 -8.88 -6.24 -6.79
CA PRO A 29 -8.12 -7.36 -7.36
C PRO A 29 -8.35 -8.68 -6.63
N GLY A 30 -8.24 -9.77 -7.37
CA GLY A 30 -8.39 -11.09 -6.78
C GLY A 30 -7.05 -11.54 -6.25
N VAL A 31 -6.93 -12.82 -5.94
CA VAL A 31 -5.71 -13.40 -5.40
C VAL A 31 -4.57 -13.33 -6.42
N VAL A 32 -3.38 -13.01 -5.93
CA VAL A 32 -2.21 -12.93 -6.79
C VAL A 32 -1.14 -13.87 -6.28
N CYS A 33 -0.64 -14.75 -7.16
CA CYS A 33 0.40 -15.68 -6.76
C CYS A 33 1.84 -15.18 -6.83
N ALA A 34 2.68 -15.67 -5.91
CA ALA A 34 4.09 -15.30 -5.88
C ALA A 34 4.95 -16.26 -6.69
N GLY A 35 4.55 -17.53 -6.74
CA GLY A 35 5.32 -18.52 -7.49
C GLY A 35 6.46 -19.15 -6.70
N HIS A 36 6.48 -18.93 -5.39
CA HIS A 36 7.52 -19.45 -4.51
C HIS A 36 7.48 -20.97 -4.33
N ASP A 37 8.66 -21.58 -4.20
CA ASP A 37 8.76 -23.03 -3.98
C ASP A 37 8.81 -23.29 -2.49
N ASN A 38 7.68 -23.69 -1.92
CA ASN A 38 7.59 -23.95 -0.49
C ASN A 38 8.14 -25.29 -0.04
N ASN A 39 8.84 -25.98 -0.94
CA ASN A 39 9.43 -27.27 -0.60
C ASN A 39 10.92 -27.10 -0.33
N GLN A 40 11.48 -26.00 -0.81
CA GLN A 40 12.89 -25.70 -0.62
C GLN A 40 13.12 -24.95 0.68
N PRO A 41 14.21 -25.25 1.39
CA PRO A 41 14.54 -24.58 2.65
C PRO A 41 14.59 -23.07 2.49
N ASP A 42 14.08 -22.35 3.48
CA ASP A 42 14.06 -20.89 3.45
C ASP A 42 15.47 -20.31 3.43
N SER A 43 15.63 -19.21 2.70
CA SER A 43 16.90 -18.51 2.60
C SER A 43 16.61 -17.08 2.18
N PHE A 44 17.51 -16.17 2.53
CA PHE A 44 17.38 -14.76 2.22
C PHE A 44 17.17 -14.53 0.72
N ALA A 45 18.06 -15.11 -0.08
CA ALA A 45 17.98 -14.97 -1.54
C ALA A 45 16.64 -15.43 -2.12
N ALA A 46 16.22 -16.64 -1.76
CA ALA A 46 14.97 -17.20 -2.27
C ALA A 46 13.74 -16.40 -1.84
N LEU A 47 13.69 -16.05 -0.56
CA LEU A 47 12.55 -15.30 -0.03
C LEU A 47 12.42 -13.92 -0.66
N LEU A 48 13.51 -13.17 -0.71
CA LEU A 48 13.44 -11.84 -1.29
C LEU A 48 13.21 -11.87 -2.80
N SER A 49 13.78 -12.86 -3.48
CA SER A 49 13.54 -12.97 -4.91
C SER A 49 12.05 -13.23 -5.16
N SER A 50 11.43 -14.04 -4.31
CA SER A 50 10.00 -14.33 -4.45
C SER A 50 9.16 -13.10 -4.14
N LEU A 51 9.54 -12.36 -3.09
CA LEU A 51 8.80 -11.13 -2.76
C LEU A 51 8.90 -10.14 -3.91
N ASN A 52 10.10 -10.03 -4.50
CA ASN A 52 10.28 -9.10 -5.62
C ASN A 52 9.41 -9.49 -6.81
N GLU A 53 9.31 -10.79 -7.09
CA GLU A 53 8.47 -11.28 -8.17
C GLU A 53 7.01 -10.95 -7.84
N LEU A 54 6.61 -11.18 -6.60
CA LEU A 54 5.24 -10.89 -6.19
C LEU A 54 4.98 -9.39 -6.40
N GLY A 55 5.99 -8.57 -6.12
CA GLY A 55 5.83 -7.15 -6.30
C GLY A 55 5.56 -6.83 -7.76
N GLU A 56 6.33 -7.43 -8.65
CA GLU A 56 6.14 -7.20 -10.09
C GLU A 56 4.72 -7.60 -10.50
N ARG A 57 4.27 -8.76 -10.05
CA ARG A 57 2.93 -9.25 -10.38
C ARG A 57 1.82 -8.38 -9.82
N GLN A 58 1.95 -7.99 -8.55
N GLN A 58 1.93 -7.99 -8.55
CA GLN A 58 0.96 -7.15 -7.89
CA GLN A 58 0.91 -7.16 -7.95
C GLN A 58 0.86 -5.78 -8.57
C GLN A 58 0.85 -5.77 -8.59
N LEU A 59 1.99 -5.26 -9.02
CA LEU A 59 2.03 -3.96 -9.68
C LEU A 59 1.09 -3.95 -10.88
N VAL A 60 1.14 -5.03 -11.67
CA VAL A 60 0.27 -5.12 -12.84
C VAL A 60 -1.19 -4.96 -12.42
N HIS A 61 -1.57 -5.62 -11.33
CA HIS A 61 -2.93 -5.55 -10.83
C HIS A 61 -3.26 -4.17 -10.25
N VAL A 62 -2.29 -3.56 -9.56
CA VAL A 62 -2.51 -2.24 -8.98
C VAL A 62 -2.74 -1.19 -10.07
N VAL A 63 -1.99 -1.28 -11.16
CA VAL A 63 -2.20 -0.34 -12.26
C VAL A 63 -3.61 -0.45 -12.85
N LYS A 64 -4.06 -1.67 -13.13
CA LYS A 64 -5.39 -1.87 -13.70
C LYS A 64 -6.47 -1.43 -12.72
N TRP A 65 -6.23 -1.69 -11.44
CA TRP A 65 -7.16 -1.29 -10.39
C TRP A 65 -7.27 0.23 -10.32
N ALA A 66 -6.13 0.90 -10.19
CA ALA A 66 -6.08 2.35 -10.12
C ALA A 66 -6.80 3.01 -11.29
N LYS A 67 -6.48 2.56 -12.50
CA LYS A 67 -7.06 3.09 -13.73
C LYS A 67 -8.59 2.97 -13.77
N ALA A 68 -9.14 2.03 -12.99
CA ALA A 68 -10.59 1.82 -12.95
C ALA A 68 -11.30 2.54 -11.80
N LEU A 69 -10.55 3.28 -10.97
CA LEU A 69 -11.15 4.00 -9.86
C LEU A 69 -11.99 5.19 -10.34
N PRO A 70 -13.08 5.49 -9.62
CA PRO A 70 -13.93 6.62 -10.02
C PRO A 70 -13.10 7.91 -10.09
N GLY A 71 -13.25 8.64 -11.19
CA GLY A 71 -12.55 9.89 -11.38
C GLY A 71 -11.05 9.85 -11.64
N PHE A 72 -10.45 8.66 -11.68
CA PHE A 72 -9.02 8.56 -11.90
C PHE A 72 -8.57 9.19 -13.22
N ARG A 73 -9.37 9.01 -14.25
CA ARG A 73 -9.04 9.57 -15.55
C ARG A 73 -9.10 11.10 -15.58
N ASN A 74 -9.53 11.70 -14.48
CA ASN A 74 -9.58 13.17 -14.39
C ASN A 74 -8.15 13.69 -14.30
N LEU A 75 -7.23 12.83 -13.82
CA LEU A 75 -5.84 13.22 -13.66
C LEU A 75 -5.11 13.29 -14.98
N HIS A 76 -4.11 14.16 -15.05
CA HIS A 76 -3.29 14.25 -16.25
C HIS A 76 -2.61 12.89 -16.39
N VAL A 77 -2.42 12.44 -17.62
CA VAL A 77 -1.80 11.14 -17.86
C VAL A 77 -0.48 10.92 -17.10
N ASP A 78 0.38 11.94 -17.07
CA ASP A 78 1.65 11.79 -16.37
C ASP A 78 1.44 11.61 -14.87
N ASP A 79 0.46 12.32 -14.33
CA ASP A 79 0.17 12.23 -12.91
C ASP A 79 -0.43 10.86 -12.56
N GLN A 80 -1.18 10.27 -13.48
CA GLN A 80 -1.76 8.96 -13.23
C GLN A 80 -0.68 7.93 -12.90
N MET A 81 0.33 7.80 -13.75
N MET A 81 0.32 7.82 -13.76
CA MET A 81 1.39 6.83 -13.49
CA MET A 81 1.40 6.86 -13.51
C MET A 81 2.24 7.26 -12.29
C MET A 81 2.26 7.26 -12.32
N ALA A 82 2.44 8.56 -12.13
CA ALA A 82 3.23 9.08 -11.02
C ALA A 82 2.67 8.67 -9.66
N VAL A 83 1.39 8.95 -9.42
CA VAL A 83 0.82 8.59 -8.13
C VAL A 83 0.89 7.08 -7.88
N ILE A 84 0.69 6.28 -8.93
CA ILE A 84 0.77 4.84 -8.78
C ILE A 84 2.19 4.45 -8.36
N GLN A 85 3.19 4.99 -9.06
CA GLN A 85 4.57 4.67 -8.75
C GLN A 85 5.08 5.18 -7.41
N TYR A 86 4.41 6.18 -6.83
CA TYR A 86 4.83 6.68 -5.53
C TYR A 86 4.11 5.98 -4.39
N SER A 87 2.86 5.60 -4.63
N SER A 87 2.86 5.60 -4.63
CA SER A 87 2.04 4.96 -3.60
CA SER A 87 2.05 4.96 -3.59
C SER A 87 1.97 3.44 -3.57
C SER A 87 1.98 3.44 -3.56
N TRP A 88 2.54 2.76 -4.55
CA TRP A 88 2.47 1.30 -4.58
C TRP A 88 2.88 0.57 -3.30
N MET A 89 3.97 0.98 -2.67
CA MET A 89 4.41 0.29 -1.45
C MET A 89 3.35 0.37 -0.36
N GLY A 90 2.86 1.58 -0.10
CA GLY A 90 1.83 1.76 0.93
C GLY A 90 0.57 0.98 0.59
N LEU A 91 0.16 1.03 -0.66
CA LEU A 91 -1.03 0.31 -1.11
C LEU A 91 -0.91 -1.19 -0.90
N MET A 92 0.24 -1.75 -1.30
CA MET A 92 0.44 -3.18 -1.18
C MET A 92 0.59 -3.66 0.25
N VAL A 93 1.20 -2.84 1.10
CA VAL A 93 1.38 -3.20 2.51
C VAL A 93 0.02 -3.16 3.20
N PHE A 94 -0.78 -2.15 2.90
CA PHE A 94 -2.11 -2.01 3.49
C PHE A 94 -2.97 -3.22 3.14
N ALA A 95 -2.97 -3.61 1.85
CA ALA A 95 -3.76 -4.76 1.41
C ALA A 95 -3.23 -6.05 2.02
N MET A 96 -1.91 -6.18 2.10
CA MET A 96 -1.32 -7.39 2.69
C MET A 96 -1.74 -7.50 4.14
N GLY A 97 -1.73 -6.37 4.84
CA GLY A 97 -2.15 -6.35 6.23
C GLY A 97 -3.58 -6.81 6.38
N TRP A 98 -4.43 -6.40 5.44
CA TRP A 98 -5.83 -6.79 5.46
C TRP A 98 -5.96 -8.29 5.22
N ARG A 99 -5.23 -8.81 4.24
CA ARG A 99 -5.25 -10.24 3.92
C ARG A 99 -4.80 -11.08 5.11
N SER A 100 -3.81 -10.58 5.83
CA SER A 100 -3.27 -11.28 7.00
C SER A 100 -4.30 -11.34 8.10
N PHE A 101 -5.04 -10.24 8.25
CA PHE A 101 -6.08 -10.16 9.26
C PHE A 101 -7.23 -11.12 8.96
N THR A 102 -7.74 -11.06 7.73
CA THR A 102 -8.86 -11.91 7.35
C THR A 102 -8.53 -13.39 7.20
N ASN A 103 -7.30 -13.70 6.78
CA ASN A 103 -6.94 -15.09 6.57
C ASN A 103 -6.31 -15.81 7.76
N VAL A 104 -5.49 -15.12 8.54
CA VAL A 104 -4.85 -15.75 9.68
C VAL A 104 -4.85 -14.90 10.93
N ASN A 105 -5.86 -14.05 11.06
CA ASN A 105 -5.99 -13.15 12.21
C ASN A 105 -4.67 -12.51 12.61
N SER A 106 -3.94 -12.02 11.62
CA SER A 106 -2.68 -11.31 11.82
C SER A 106 -1.59 -12.13 12.48
N ARG A 107 -1.76 -13.45 12.54
CA ARG A 107 -0.77 -14.32 13.18
C ARG A 107 0.51 -14.36 12.37
N MET A 108 0.37 -14.33 11.05
CA MET A 108 1.51 -14.36 10.14
C MET A 108 1.25 -13.35 9.03
N LEU A 109 2.28 -13.04 8.23
CA LEU A 109 2.10 -12.09 7.14
C LEU A 109 1.75 -12.85 5.86
N TYR A 110 0.50 -12.68 5.44
CA TYR A 110 -0.03 -13.36 4.26
C TYR A 110 0.28 -12.59 2.96
N PHE A 111 1.54 -12.64 2.52
CA PHE A 111 1.91 -11.95 1.29
C PHE A 111 1.12 -12.50 0.10
N ALA A 112 1.01 -13.82 0.06
CA ALA A 112 0.26 -14.51 -0.99
C ALA A 112 -0.05 -15.91 -0.48
N PRO A 113 -0.99 -16.61 -1.14
CA PRO A 113 -1.34 -17.97 -0.68
C PRO A 113 -0.11 -18.88 -0.62
N ASP A 114 0.83 -18.64 -1.53
CA ASP A 114 2.03 -19.46 -1.59
C ASP A 114 3.26 -18.78 -0.99
N LEU A 115 3.03 -17.74 -0.19
CA LEU A 115 4.13 -17.03 0.44
C LEU A 115 3.64 -16.42 1.74
N VAL A 116 3.44 -17.28 2.73
CA VAL A 116 3.00 -16.83 4.05
C VAL A 116 4.20 -16.84 4.99
N PHE A 117 4.49 -15.68 5.58
CA PHE A 117 5.62 -15.54 6.49
C PHE A 117 5.34 -15.87 7.93
N ASN A 118 6.07 -16.86 8.45
CA ASN A 118 5.97 -17.21 9.86
C ASN A 118 7.15 -16.48 10.50
N GLU A 119 7.34 -16.60 11.80
CA GLU A 119 8.43 -15.91 12.48
C GLU A 119 9.80 -16.30 11.92
N TYR A 120 9.95 -17.57 11.55
CA TYR A 120 11.24 -18.01 11.01
C TYR A 120 11.56 -17.24 9.73
N ARG A 121 10.59 -17.13 8.84
CA ARG A 121 10.80 -16.40 7.59
C ARG A 121 11.01 -14.91 7.81
N MET A 122 10.33 -14.36 8.82
CA MET A 122 10.50 -12.95 9.13
C MET A 122 11.98 -12.69 9.45
N HIS A 123 12.60 -13.61 10.17
CA HIS A 123 14.01 -13.47 10.53
C HIS A 123 14.93 -13.77 9.36
N LYS A 124 14.64 -14.84 8.63
CA LYS A 124 15.49 -15.22 7.49
C LYS A 124 15.48 -14.18 6.37
N SER A 125 14.41 -13.39 6.30
CA SER A 125 14.29 -12.36 5.27
C SER A 125 15.13 -11.14 5.61
N ARG A 126 15.71 -11.13 6.81
CA ARG A 126 16.52 -10.01 7.30
C ARG A 126 15.65 -8.76 7.33
N MET A 127 14.33 -8.98 7.40
N MET A 127 14.34 -8.98 7.43
CA MET A 127 13.34 -7.90 7.42
CA MET A 127 13.38 -7.90 7.43
C MET A 127 12.48 -7.98 8.68
C MET A 127 12.48 -8.01 8.66
N TYR A 128 13.00 -8.60 9.73
CA TYR A 128 12.20 -8.76 10.95
C TYR A 128 11.56 -7.51 11.51
N SER A 129 12.35 -6.46 11.69
N SER A 129 12.34 -6.45 11.71
CA SER A 129 11.84 -5.20 12.23
CA SER A 129 11.78 -5.21 12.26
C SER A 129 10.70 -4.64 11.38
C SER A 129 10.67 -4.63 11.38
N GLN A 130 10.87 -4.69 10.06
CA GLN A 130 9.86 -4.18 9.15
C GLN A 130 8.62 -5.08 9.21
N CYS A 131 8.84 -6.39 9.34
CA CYS A 131 7.71 -7.31 9.42
C CYS A 131 6.91 -7.08 10.70
N VAL A 132 7.60 -6.67 11.77
CA VAL A 132 6.92 -6.39 13.03
C VAL A 132 5.92 -5.25 12.83
N ARG A 133 6.35 -4.19 12.16
CA ARG A 133 5.47 -3.04 11.93
C ARG A 133 4.32 -3.42 10.99
N MET A 134 4.60 -4.26 10.01
CA MET A 134 3.54 -4.67 9.10
C MET A 134 2.52 -5.53 9.84
N ARG A 135 3.00 -6.39 10.74
CA ARG A 135 2.08 -7.24 11.50
C ARG A 135 1.27 -6.38 12.46
N HIS A 136 1.87 -5.32 13.00
CA HIS A 136 1.16 -4.42 13.91
C HIS A 136 -0.01 -3.77 13.16
N LEU A 137 0.25 -3.31 11.94
CA LEU A 137 -0.80 -2.70 11.11
C LEU A 137 -1.92 -3.72 10.92
N SER A 138 -1.54 -4.96 10.63
CA SER A 138 -2.52 -6.03 10.43
C SER A 138 -3.42 -6.17 11.66
N GLN A 139 -2.81 -6.13 12.86
CA GLN A 139 -3.60 -6.26 14.09
C GLN A 139 -4.57 -5.11 14.30
N GLU A 140 -4.22 -3.93 13.79
CA GLU A 140 -5.10 -2.77 13.92
C GLU A 140 -6.45 -3.01 13.23
N PHE A 141 -6.45 -3.76 12.13
CA PHE A 141 -7.71 -4.04 11.44
C PHE A 141 -8.65 -4.76 12.40
N GLY A 142 -8.07 -5.59 13.27
CA GLY A 142 -8.87 -6.33 14.23
C GLY A 142 -9.21 -5.45 15.42
N TRP A 143 -8.22 -4.76 15.97
CA TRP A 143 -8.44 -3.89 17.14
C TRP A 143 -9.48 -2.81 16.87
N LEU A 144 -9.41 -2.20 15.69
CA LEU A 144 -10.36 -1.14 15.34
C LEU A 144 -11.63 -1.64 14.68
N GLN A 145 -11.78 -2.96 14.56
CA GLN A 145 -12.96 -3.55 13.92
C GLN A 145 -13.22 -2.88 12.57
N ILE A 146 -12.19 -2.82 11.74
CA ILE A 146 -12.34 -2.21 10.40
C ILE A 146 -13.25 -3.05 9.50
N THR A 147 -14.24 -2.41 8.88
CA THR A 147 -15.17 -3.12 8.00
C THR A 147 -14.55 -3.27 6.62
N PRO A 148 -14.99 -4.28 5.85
CA PRO A 148 -14.47 -4.52 4.49
C PRO A 148 -14.61 -3.27 3.61
N GLN A 149 -15.69 -2.54 3.81
CA GLN A 149 -15.96 -1.33 3.05
C GLN A 149 -15.06 -0.17 3.51
N GLU A 150 -14.78 -0.08 4.81
CA GLU A 150 -13.91 0.99 5.29
C GLU A 150 -12.52 0.70 4.70
N PHE A 151 -12.15 -0.58 4.65
CA PHE A 151 -10.87 -0.99 4.10
C PHE A 151 -10.75 -0.54 2.64
N LEU A 152 -11.79 -0.81 1.86
CA LEU A 152 -11.77 -0.43 0.44
C LEU A 152 -11.61 1.07 0.23
N CYS A 153 -12.35 1.88 0.98
N CYS A 153 -12.35 1.87 0.99
CA CYS A 153 -12.24 3.32 0.81
CA CYS A 153 -12.28 3.32 0.87
C CYS A 153 -10.88 3.84 1.29
C CYS A 153 -10.91 3.85 1.31
N MET A 154 -10.38 3.28 2.38
CA MET A 154 -9.08 3.70 2.89
C MET A 154 -7.98 3.36 1.89
N LYS A 155 -8.04 2.17 1.32
CA LYS A 155 -7.03 1.76 0.36
C LYS A 155 -7.05 2.70 -0.86
N ALA A 156 -8.24 3.08 -1.31
CA ALA A 156 -8.33 4.00 -2.45
C ALA A 156 -7.68 5.33 -2.09
N LEU A 157 -7.90 5.80 -0.87
N LEU A 157 -7.91 5.80 -0.87
CA LEU A 157 -7.33 7.07 -0.43
CA LEU A 157 -7.32 7.06 -0.43
C LEU A 157 -5.81 7.01 -0.37
C LEU A 157 -5.80 7.01 -0.39
N LEU A 158 -5.25 5.84 -0.06
CA LEU A 158 -3.80 5.69 0.01
C LEU A 158 -3.13 5.99 -1.34
N LEU A 159 -3.86 5.79 -2.43
CA LEU A 159 -3.30 6.08 -3.76
C LEU A 159 -3.08 7.58 -3.93
N PHE A 160 -3.86 8.38 -3.21
CA PHE A 160 -3.76 9.84 -3.32
C PHE A 160 -3.16 10.43 -2.04
N SER A 161 -2.19 9.73 -1.46
CA SER A 161 -1.58 10.20 -0.23
C SER A 161 -0.08 10.48 -0.26
N ILE A 162 0.50 10.61 -1.47
CA ILE A 162 1.93 10.93 -1.55
C ILE A 162 2.23 11.62 -2.88
N ILE A 163 2.75 12.85 -2.81
CA ILE A 163 3.04 13.62 -4.02
C ILE A 163 4.31 14.46 -3.93
N PRO A 164 4.81 14.96 -5.07
CA PRO A 164 6.02 15.78 -5.11
C PRO A 164 5.82 17.06 -4.31
N VAL A 165 6.85 17.49 -3.58
CA VAL A 165 6.73 18.70 -2.79
C VAL A 165 6.47 19.90 -3.69
N ASP A 166 6.90 19.81 -4.95
CA ASP A 166 6.70 20.90 -5.89
C ASP A 166 5.44 20.73 -6.72
N GLY A 167 4.62 19.75 -6.37
CA GLY A 167 3.37 19.52 -7.07
C GLY A 167 3.39 18.59 -8.27
N LEU A 168 2.19 18.26 -8.75
CA LEU A 168 2.01 17.38 -9.90
C LEU A 168 1.80 18.24 -11.15
N LYS A 169 1.72 17.59 -12.32
CA LYS A 169 1.49 18.30 -13.58
C LYS A 169 0.25 19.17 -13.48
N ASN A 170 -0.84 18.56 -13.02
N ASN A 170 -0.85 18.58 -13.02
CA ASN A 170 -2.11 19.25 -12.84
CA ASN A 170 -2.08 19.33 -12.84
C ASN A 170 -2.59 18.97 -11.42
C ASN A 170 -2.60 19.02 -11.44
N GLN A 171 -2.07 19.75 -10.47
CA GLN A 171 -2.43 19.59 -9.07
C GLN A 171 -3.90 19.78 -8.73
N LYS A 172 -4.56 20.74 -9.39
N LYS A 172 -4.55 20.72 -9.39
CA LYS A 172 -5.96 20.99 -9.11
CA LYS A 172 -5.95 21.00 -9.12
C LYS A 172 -6.83 19.75 -9.27
C LYS A 172 -6.84 19.76 -9.29
N PHE A 173 -6.58 18.99 -10.34
CA PHE A 173 -7.37 17.79 -10.58
C PHE A 173 -7.12 16.75 -9.48
N PHE A 174 -5.88 16.67 -9.03
CA PHE A 174 -5.52 15.74 -7.96
C PHE A 174 -6.15 16.16 -6.64
N ASP A 175 -6.07 17.45 -6.31
CA ASP A 175 -6.65 17.92 -5.06
C ASP A 175 -8.14 17.65 -5.00
N GLU A 176 -8.82 17.81 -6.13
CA GLU A 176 -10.26 17.59 -6.21
C GLU A 176 -10.58 16.11 -5.99
N LEU A 177 -9.79 15.23 -6.60
N LEU A 177 -9.78 15.24 -6.59
CA LEU A 177 -9.98 13.80 -6.45
CA LEU A 177 -9.99 13.80 -6.47
C LEU A 177 -9.79 13.37 -5.00
C LEU A 177 -9.76 13.34 -5.04
N ARG A 178 -8.69 13.82 -4.41
CA ARG A 178 -8.39 13.45 -3.03
C ARG A 178 -9.53 13.92 -2.15
N MET A 179 -9.98 15.16 -2.36
CA MET A 179 -11.08 15.69 -1.57
C MET A 179 -12.31 14.78 -1.63
N ASN A 180 -12.66 14.33 -2.83
CA ASN A 180 -13.83 13.48 -3.00
C ASN A 180 -13.70 12.12 -2.33
N TYR A 181 -12.49 11.57 -2.27
CA TYR A 181 -12.32 10.28 -1.62
C TYR A 181 -12.36 10.44 -0.10
N ILE A 182 -12.01 11.62 0.39
CA ILE A 182 -12.08 11.87 1.82
C ILE A 182 -13.57 11.98 2.15
N LYS A 183 -14.31 12.62 1.25
CA LYS A 183 -15.75 12.79 1.43
C LYS A 183 -16.45 11.44 1.46
N GLU A 184 -16.03 10.51 0.59
CA GLU A 184 -16.65 9.19 0.53
C GLU A 184 -16.36 8.40 1.80
N LEU A 185 -15.18 8.62 2.39
CA LEU A 185 -14.83 7.92 3.62
C LEU A 185 -15.71 8.41 4.76
N ASP A 186 -15.95 9.71 4.80
CA ASP A 186 -16.79 10.32 5.84
C ASP A 186 -18.22 9.80 5.67
N ARG A 187 -18.64 9.61 4.43
CA ARG A 187 -19.98 9.13 4.10
C ARG A 187 -20.19 7.69 4.57
N ILE A 188 -19.17 6.87 4.43
N ILE A 188 -19.18 6.85 4.43
CA ILE A 188 -19.23 5.46 4.84
CA ILE A 188 -19.29 5.47 4.86
C ILE A 188 -19.31 5.35 6.36
C ILE A 188 -19.39 5.40 6.38
N ILE A 189 -18.67 6.29 7.05
CA ILE A 189 -18.68 6.31 8.50
C ILE A 189 -20.06 6.69 9.04
N ALA A 190 -20.76 7.56 8.32
CA ALA A 190 -22.08 8.03 8.74
C ALA A 190 -23.25 7.14 8.30
N CYS A 191 -22.99 6.15 7.47
CA CYS A 191 -24.06 5.26 6.98
C CYS A 191 -24.67 4.36 8.04
N LYS A 192 -24.24 4.52 9.29
CA LYS A 192 -24.79 3.71 10.38
C LYS A 192 -24.53 4.38 11.72
N ARG A 193 -24.50 5.70 11.69
CA ARG A 193 -24.26 6.49 12.91
C ARG A 193 -25.19 7.70 12.96
N LYS A 194 -25.88 7.85 14.08
CA LYS A 194 -26.81 8.96 14.26
C LYS A 194 -26.15 10.10 15.03
N ASN A 195 -25.30 9.74 15.98
CA ASN A 195 -24.59 10.73 16.80
C ASN A 195 -23.31 11.18 16.11
N PRO A 196 -23.16 12.49 15.87
CA PRO A 196 -21.98 13.07 15.23
C PRO A 196 -20.69 12.83 16.01
N THR A 197 -20.81 12.60 17.31
CA THR A 197 -19.65 12.35 18.16
C THR A 197 -19.03 11.00 17.80
N SER A 198 -19.87 10.07 17.37
CA SER A 198 -19.40 8.74 17.00
C SER A 198 -18.70 8.82 15.65
N CYS A 199 -19.27 9.59 14.72
CA CYS A 199 -18.68 9.77 13.40
C CYS A 199 -17.30 10.39 13.53
N SER A 200 -17.21 11.45 14.35
CA SER A 200 -15.96 12.14 14.57
C SER A 200 -14.89 11.24 15.19
N ARG A 201 -15.29 10.39 16.13
CA ARG A 201 -14.33 9.49 16.76
C ARG A 201 -13.80 8.49 15.74
N ARG A 202 -14.70 7.99 14.90
CA ARG A 202 -14.31 7.00 13.90
C ARG A 202 -13.40 7.61 12.85
N PHE A 203 -13.73 8.82 12.40
CA PHE A 203 -12.91 9.49 11.39
C PHE A 203 -11.51 9.71 11.95
N TYR A 204 -11.43 10.09 13.23
CA TYR A 204 -10.15 10.31 13.87
C TYR A 204 -9.34 9.01 13.85
N GLN A 205 -9.99 7.90 14.20
CA GLN A 205 -9.33 6.61 14.24
C GLN A 205 -8.82 6.15 12.88
N LEU A 206 -9.66 6.32 11.87
CA LEU A 206 -9.29 5.90 10.52
C LEU A 206 -8.19 6.73 9.91
N THR A 207 -8.21 8.04 10.14
CA THR A 207 -7.16 8.89 9.59
C THR A 207 -5.83 8.62 10.30
N LYS A 208 -5.88 8.29 11.59
CA LYS A 208 -4.66 7.94 12.31
C LYS A 208 -4.09 6.65 11.71
N LEU A 209 -4.97 5.69 11.43
CA LEU A 209 -4.54 4.41 10.87
C LEU A 209 -3.88 4.66 9.52
N LEU A 210 -4.53 5.47 8.68
CA LEU A 210 -3.98 5.78 7.36
C LEU A 210 -2.59 6.40 7.48
N ASP A 211 -2.43 7.36 8.40
CA ASP A 211 -1.13 7.99 8.59
C ASP A 211 -0.05 6.96 8.97
N SER A 212 -0.42 5.99 9.80
CA SER A 212 0.50 4.97 10.28
C SER A 212 1.09 4.11 9.18
N VAL A 213 0.48 4.14 8.01
CA VAL A 213 0.99 3.34 6.91
C VAL A 213 2.27 3.96 6.34
N GLN A 214 2.32 5.29 6.31
CA GLN A 214 3.46 6.00 5.71
C GLN A 214 4.84 5.66 6.31
N PRO A 215 4.97 5.64 7.65
CA PRO A 215 6.27 5.32 8.24
C PRO A 215 6.71 3.89 7.89
N ILE A 216 5.74 2.99 7.81
CA ILE A 216 6.04 1.60 7.48
C ILE A 216 6.53 1.53 6.04
N ALA A 217 5.81 2.22 5.16
CA ALA A 217 6.21 2.24 3.74
C ALA A 217 7.62 2.82 3.58
N ARG A 218 7.94 3.88 4.34
CA ARG A 218 9.25 4.49 4.24
C ARG A 218 10.35 3.51 4.64
N GLU A 219 10.11 2.73 5.69
CA GLU A 219 11.11 1.76 6.13
C GLU A 219 11.33 0.71 5.07
N LEU A 220 10.26 0.35 4.37
CA LEU A 220 10.36 -0.67 3.32
C LEU A 220 11.07 -0.09 2.10
N HIS A 221 10.83 1.19 1.84
CA HIS A 221 11.48 1.88 0.73
C HIS A 221 12.99 1.90 0.95
N GLN A 222 13.40 2.19 2.18
CA GLN A 222 14.82 2.23 2.49
C GLN A 222 15.42 0.84 2.35
N PHE A 223 14.71 -0.18 2.83
CA PHE A 223 15.21 -1.54 2.77
C PHE A 223 15.35 -2.06 1.35
N THR A 224 14.34 -1.86 0.52
CA THR A 224 14.41 -2.36 -0.84
C THR A 224 15.43 -1.58 -1.66
N PHE A 225 15.56 -0.29 -1.39
CA PHE A 225 16.53 0.54 -2.11
C PHE A 225 17.93 -0.02 -1.82
N ASP A 226 18.23 -0.22 -0.54
CA ASP A 226 19.53 -0.75 -0.15
C ASP A 226 19.76 -2.12 -0.76
N LEU A 227 18.72 -2.96 -0.76
CA LEU A 227 18.85 -4.30 -1.30
C LEU A 227 19.15 -4.24 -2.81
N LEU A 228 18.48 -3.35 -3.53
CA LEU A 228 18.72 -3.22 -4.98
C LEU A 228 20.18 -2.86 -5.25
N ILE A 229 20.67 -1.86 -4.52
CA ILE A 229 22.05 -1.40 -4.69
C ILE A 229 23.07 -2.53 -4.48
N LYS A 230 22.77 -3.45 -3.57
CA LYS A 230 23.69 -4.56 -3.29
C LYS A 230 23.16 -5.89 -3.79
N SER A 231 22.10 -5.86 -4.60
CA SER A 231 21.46 -7.08 -5.10
C SER A 231 22.40 -8.11 -5.73
N HIS A 232 23.36 -7.64 -6.52
CA HIS A 232 24.31 -8.55 -7.17
C HIS A 232 25.26 -9.26 -6.20
N MET A 233 25.44 -8.68 -5.03
N MET A 233 25.46 -8.66 -5.03
CA MET A 233 26.32 -9.24 -4.02
CA MET A 233 26.38 -9.22 -4.05
C MET A 233 25.64 -10.29 -3.14
C MET A 233 25.69 -10.11 -3.03
N VAL A 234 24.31 -10.19 -3.02
N VAL A 234 24.37 -10.25 -3.15
CA VAL A 234 23.58 -11.12 -2.17
CA VAL A 234 23.61 -11.09 -2.22
C VAL A 234 22.62 -12.03 -2.95
C VAL A 234 22.64 -12.01 -2.94
N SER A 235 22.88 -12.20 -4.24
CA SER A 235 22.06 -13.06 -5.08
C SER A 235 20.55 -12.83 -5.03
N VAL A 236 20.13 -11.57 -5.02
CA VAL A 236 18.70 -11.27 -5.00
C VAL A 236 18.30 -10.70 -6.35
N ASP A 237 17.32 -11.34 -6.98
CA ASP A 237 16.84 -10.91 -8.29
C ASP A 237 15.69 -9.90 -8.23
N PHE A 238 15.84 -8.83 -9.01
CA PHE A 238 14.81 -7.80 -9.12
C PHE A 238 14.25 -7.76 -10.53
N PRO A 239 12.93 -7.94 -10.68
CA PRO A 239 12.34 -7.91 -12.02
C PRO A 239 12.41 -6.50 -12.61
N GLU A 240 12.22 -6.41 -13.93
CA GLU A 240 12.29 -5.15 -14.67
C GLU A 240 11.63 -3.92 -14.06
N MET A 241 10.31 -3.97 -13.89
CA MET A 241 9.57 -2.85 -13.36
C MET A 241 9.99 -2.46 -11.94
N MET A 242 10.27 -3.44 -11.11
CA MET A 242 10.69 -3.17 -9.74
C MET A 242 12.01 -2.40 -9.74
N ALA A 243 12.99 -2.90 -10.48
CA ALA A 243 14.29 -2.24 -10.55
C ALA A 243 14.16 -0.79 -11.04
N GLU A 244 13.28 -0.57 -12.01
CA GLU A 244 13.06 0.77 -12.55
C GLU A 244 12.46 1.70 -11.51
N ILE A 245 11.35 1.29 -10.91
CA ILE A 245 10.68 2.10 -9.92
C ILE A 245 11.53 2.36 -8.68
N ILE A 246 12.26 1.34 -8.23
CA ILE A 246 13.08 1.48 -7.03
C ILE A 246 14.32 2.36 -7.27
N SER A 247 14.81 2.41 -8.50
CA SER A 247 15.99 3.23 -8.80
C SER A 247 15.64 4.63 -9.31
N VAL A 248 14.42 4.80 -9.81
CA VAL A 248 14.00 6.08 -10.36
C VAL A 248 13.01 6.87 -9.52
N GLN A 249 12.00 6.19 -8.98
CA GLN A 249 10.97 6.84 -8.20
C GLN A 249 11.19 6.83 -6.69
N VAL A 250 11.51 5.66 -6.14
CA VAL A 250 11.73 5.53 -4.71
C VAL A 250 12.74 6.53 -4.15
N PRO A 251 13.84 6.78 -4.88
CA PRO A 251 14.82 7.74 -4.36
C PRO A 251 14.26 9.17 -4.20
N LYS A 252 13.27 9.52 -5.03
N LYS A 252 13.27 9.51 -5.03
CA LYS A 252 12.67 10.83 -4.92
CA LYS A 252 12.64 10.82 -4.95
C LYS A 252 12.00 10.96 -3.56
C LYS A 252 11.98 10.96 -3.58
N ILE A 253 11.44 9.85 -3.08
CA ILE A 253 10.78 9.83 -1.79
C ILE A 253 11.83 9.88 -0.67
N LEU A 254 12.82 9.02 -0.77
CA LEU A 254 13.85 8.94 0.25
C LEU A 254 14.66 10.22 0.37
N SER A 255 14.79 10.96 -0.73
CA SER A 255 15.54 12.22 -0.73
C SER A 255 14.67 13.42 -0.36
N GLY A 256 13.40 13.16 -0.03
CA GLY A 256 12.50 14.23 0.35
C GLY A 256 11.88 15.08 -0.75
N LYS A 257 12.03 14.70 -2.00
CA LYS A 257 11.45 15.45 -3.11
C LYS A 257 9.97 15.09 -3.28
N VAL A 258 9.61 13.89 -2.83
CA VAL A 258 8.22 13.41 -2.88
C VAL A 258 7.90 13.05 -1.44
N LYS A 259 6.79 13.55 -0.92
CA LYS A 259 6.46 13.29 0.48
C LYS A 259 5.01 12.89 0.71
N PRO A 260 4.78 12.08 1.76
CA PRO A 260 3.42 11.65 2.07
C PRO A 260 2.57 12.80 2.59
N ILE A 261 1.27 12.69 2.38
CA ILE A 261 0.31 13.68 2.85
C ILE A 261 -0.27 13.11 4.14
N TYR A 262 0.04 13.75 5.26
CA TYR A 262 -0.47 13.29 6.55
C TYR A 262 -1.74 14.04 6.94
N PHE A 263 -2.61 13.36 7.67
CA PHE A 263 -3.83 13.99 8.17
C PHE A 263 -3.48 14.77 9.44
N HIS A 264 -2.73 14.12 10.31
CA HIS A 264 -2.32 14.72 11.58
C HIS A 264 -0.85 15.09 11.53
N THR A 265 -0.50 16.17 12.23
CA THR A 265 0.89 16.61 12.26
C THR A 265 1.71 15.59 13.04
N GLN A 266 2.76 15.08 12.41
CA GLN A 266 3.61 14.09 13.04
C GLN A 266 4.56 14.72 14.05
S SO4 B . 20.65 -17.31 4.52
O1 SO4 B . 19.08 -16.88 4.58
O2 SO4 B . 20.92 -17.54 3.12
O3 SO4 B . 21.39 -16.37 5.05
O4 SO4 B . 20.65 -18.58 5.20
C1 TES C . 4.93 -7.30 -2.40
C2 TES C . 3.40 -7.31 -2.30
C3 TES C . 2.92 -7.43 -0.88
O3 TES C . 1.85 -8.14 -0.52
C4 TES C . 3.71 -6.75 0.14
C5 TES C . 4.93 -6.17 -0.11
C6 TES C . 5.67 -5.46 1.01
C7 TES C . 7.15 -5.86 1.11
C8 TES C . 7.84 -5.63 -0.27
C9 TES C . 7.14 -6.46 -1.39
C10 TES C . 5.61 -6.16 -1.53
C11 TES C . 7.80 -6.36 -2.81
C12 TES C . 9.32 -6.66 -2.72
C13 TES C . 10.04 -5.79 -1.65
C14 TES C . 9.33 -6.04 -0.28
C15 TES C . 10.28 -5.40 0.76
C16 TES C . 11.69 -5.58 0.14
C17 TES C . 11.46 -6.27 -1.23
O17 TES C . 12.46 -5.86 -2.19
C18 TES C . 10.03 -4.27 -2.09
C19 TES C . 5.32 -4.77 -2.17
S1 DTT D . -1.30 -18.26 -5.64
C1 DTT D . -2.35 -19.62 -5.11
C2 DTT D . -1.34 -20.66 -4.64
O2 DTT D . -1.95 -21.40 -4.13
C3 DTT D . -0.37 -21.11 -5.61
O3 DTT D . -0.69 -20.54 -6.81
C4 DTT D . -0.29 -22.53 -5.94
S4 DTT D . 1.35 -22.33 -6.42
C1 GOL E . -1.60 23.80 -11.87
O1 GOL E . -3.09 23.22 -11.69
C2 GOL E . -0.42 23.10 -11.60
O2 GOL E . -0.51 21.77 -11.42
C3 GOL E . 0.77 23.89 -11.54
O3 GOL E . 1.72 25.12 -11.58
#